data_4NOO
#
_entry.id   4NOO
#
_cell.length_a   52.502
_cell.length_b   116.034
_cell.length_c   68.225
_cell.angle_alpha   90.00
_cell.angle_beta   94.05
_cell.angle_gamma   90.00
#
_symmetry.space_group_name_H-M   'P 1 21 1'
#
loop_
_entity.id
_entity.type
_entity.pdbx_description
1 polymer 'VgrG protein'
2 polymer 'Putative uncharacterized protein'
3 water water
#
loop_
_entity_poly.entity_id
_entity_poly.type
_entity_poly.pdbx_seq_one_letter_code
_entity_poly.pdbx_strand_id
1 'polypeptide(L)'
;IYQIWPLGKTSEKYESAGRGPGVISTGNGDYGGASYGCYQ(MSE)SSNLGVVQKYIQSSKFKEFFSGLNPATKEFNVVWQ
DIASRYPQEFREEQHQFIKRTHYDIQIGHLRGKGLLFEHNRAAVHDLIWSTSVQFGGRTNLIFNALNGQN(MSE)ES
(MSE)TDKDIIILVQDYKLVNTERLFKSSPSWWSDLKKRAVSEKKALLELEIDGLEVDIK
;
A,C
2 'polypeptide(L)'
;SENCNDTSGVHQKILVCIQNEIAKSETQIRNNISSKSIDYGFPDDFYSKQRLAIHEKC(MSE)LYINVGGQRGELL
(MSE)NQCELS(MSE)LQGLDIYIQQYIEDVDNS
;
B,D
#
# COMPACT_ATOMS: atom_id res chain seq x y z
N ILE A 4 32.53 32.37 -23.62
CA ILE A 4 31.45 33.39 -23.56
C ILE A 4 30.14 32.81 -22.95
N TRP A 5 29.50 31.82 -23.60
CA TRP A 5 28.21 31.27 -23.14
C TRP A 5 28.31 30.42 -21.86
N PRO A 6 27.52 30.75 -20.82
CA PRO A 6 27.61 29.97 -19.58
C PRO A 6 26.92 28.61 -19.70
N LEU A 7 27.71 27.55 -19.49
CA LEU A 7 27.22 26.16 -19.53
C LEU A 7 26.04 26.00 -18.60
N GLY A 8 24.91 25.53 -19.14
CA GLY A 8 23.72 25.23 -18.34
C GLY A 8 22.67 26.32 -18.33
N LYS A 9 22.95 27.42 -18.99
CA LYS A 9 22.01 28.53 -19.09
C LYS A 9 20.66 28.17 -19.74
N THR A 10 20.66 27.31 -20.76
CA THR A 10 19.39 26.97 -21.44
C THR A 10 18.37 26.37 -20.48
N SER A 11 18.80 25.53 -19.54
CA SER A 11 17.87 24.85 -18.63
C SER A 11 17.82 25.54 -17.27
N GLU A 12 18.53 26.64 -17.18
CA GLU A 12 18.62 27.43 -15.98
C GLU A 12 17.31 27.70 -15.29
N LYS A 13 16.30 28.07 -16.04
CA LYS A 13 15.00 28.45 -15.46
C LYS A 13 14.25 27.28 -14.82
N TYR A 14 14.55 26.06 -15.24
CA TYR A 14 13.92 24.89 -14.66
C TYR A 14 14.64 24.44 -13.38
N GLU A 15 15.92 24.78 -13.24
CA GLU A 15 16.79 24.20 -12.22
C GLU A 15 17.06 25.14 -11.06
N SER A 16 17.56 26.33 -11.38
CA SER A 16 17.91 27.34 -10.38
C SER A 16 16.93 28.52 -10.34
N ALA A 17 16.34 28.86 -11.48
CA ALA A 17 15.23 29.80 -11.54
C ALA A 17 15.53 31.16 -10.87
N GLY A 18 16.77 31.63 -11.00
CA GLY A 18 17.16 32.94 -10.48
C GLY A 18 17.41 33.03 -8.99
N ARG A 19 17.44 31.89 -8.31
CA ARG A 19 17.52 31.85 -6.88
C ARG A 19 18.92 32.20 -6.42
N GLY A 20 19.02 32.87 -5.26
CA GLY A 20 20.30 33.16 -4.64
C GLY A 20 20.79 31.98 -3.83
N PRO A 21 22.07 31.98 -3.44
CA PRO A 21 22.70 30.83 -2.81
C PRO A 21 22.17 30.51 -1.41
N GLY A 22 21.38 31.44 -0.84
CA GLY A 22 20.88 31.30 0.51
C GLY A 22 19.43 30.89 0.63
N VAL A 23 18.75 30.69 -0.48
CA VAL A 23 17.34 30.27 -0.43
C VAL A 23 17.15 28.89 0.23
N ILE A 24 16.21 28.83 1.16
CA ILE A 24 15.83 27.59 1.78
C ILE A 24 14.31 27.42 1.65
N SER A 25 13.86 26.24 1.28
CA SER A 25 12.44 25.92 1.48
C SER A 25 12.34 24.70 2.34
N THR A 26 11.38 24.78 3.24
CA THR A 26 11.03 23.69 4.11
C THR A 26 9.91 22.98 3.39
N GLY A 27 10.10 21.70 3.13
CA GLY A 27 9.11 20.89 2.44
C GLY A 27 7.92 20.71 3.34
N ASN A 28 6.74 20.86 2.76
CA ASN A 28 5.55 20.48 3.48
C ASN A 28 5.48 18.96 3.63
N GLY A 29 4.88 18.50 4.72
CA GLY A 29 4.61 17.09 4.96
C GLY A 29 5.52 16.51 6.03
N ASP A 30 5.10 15.39 6.62
CA ASP A 30 5.90 14.61 7.56
C ASP A 30 7.34 14.31 7.11
N TYR A 31 7.55 14.11 5.82
CA TYR A 31 8.89 13.81 5.32
C TYR A 31 9.32 14.80 4.27
N GLY A 32 8.84 16.04 4.35
CA GLY A 32 9.11 17.05 3.32
C GLY A 32 10.57 17.48 3.28
N GLY A 33 11.26 17.37 4.42
CA GLY A 33 12.67 17.78 4.52
C GLY A 33 12.85 19.26 4.20
N ALA A 34 13.93 19.59 3.50
CA ALA A 34 14.21 20.97 3.21
C ALA A 34 15.09 20.99 1.98
N SER A 35 15.06 22.10 1.26
CA SER A 35 15.88 22.24 0.07
C SER A 35 16.70 23.53 0.08
N TYR A 36 17.93 23.43 -0.43
CA TYR A 36 18.98 24.42 -0.15
C TYR A 36 19.62 25.00 -1.40
N GLY A 37 19.70 26.33 -1.44
CA GLY A 37 20.56 27.02 -2.39
C GLY A 37 19.94 27.30 -3.72
N CYS A 38 20.78 27.74 -4.67
CA CYS A 38 20.35 28.12 -5.99
C CYS A 38 19.55 27.00 -6.67
N TYR A 39 20.05 25.76 -6.55
CA TYR A 39 19.45 24.62 -7.21
C TYR A 39 18.45 23.88 -6.36
N GLN A 40 18.28 24.31 -5.11
CA GLN A 40 17.32 23.69 -4.16
C GLN A 40 17.59 22.20 -4.01
N SER A 42 17.84 18.98 -2.12
CA SER A 42 16.98 18.48 -1.04
C SER A 42 17.78 17.63 -0.06
N SER A 43 17.30 17.60 1.16
CA SER A 43 17.82 16.69 2.16
C SER A 43 17.19 15.32 2.03
N ASN A 44 16.07 15.21 1.29
CA ASN A 44 15.31 13.94 1.20
C ASN A 44 16.04 12.80 0.56
N LEU A 45 16.87 13.12 -0.42
CA LEU A 45 17.53 12.11 -1.19
C LEU A 45 19.03 12.27 -1.05
N GLY A 46 19.46 12.83 0.07
CA GLY A 46 20.89 12.88 0.40
C GLY A 46 21.77 13.84 -0.37
N VAL A 47 21.17 14.68 -1.22
CA VAL A 47 21.94 15.53 -2.11
C VAL A 47 22.65 16.60 -1.31
N VAL A 48 21.92 17.33 -0.48
CA VAL A 48 22.58 18.43 0.24
C VAL A 48 23.69 17.91 1.19
N GLN A 49 23.46 16.75 1.79
CA GLN A 49 24.45 16.08 2.64
C GLN A 49 25.75 15.79 1.88
N LYS A 50 25.61 15.35 0.63
CA LYS A 50 26.78 15.12 -0.21
C LYS A 50 27.48 16.42 -0.52
N TYR A 51 26.69 17.44 -0.81
CA TYR A 51 27.26 18.76 -1.01
C TYR A 51 28.07 19.22 0.19
N ILE A 52 27.48 19.14 1.36
CA ILE A 52 28.19 19.56 2.59
C ILE A 52 29.51 18.79 2.79
N GLN A 53 29.49 17.46 2.57
CA GLN A 53 30.73 16.66 2.65
C GLN A 53 31.79 17.19 1.69
N SER A 54 31.39 17.70 0.53
CA SER A 54 32.33 18.17 -0.48
C SER A 54 32.72 19.63 -0.30
N SER A 55 32.03 20.34 0.58
CA SER A 55 32.20 21.79 0.64
C SER A 55 33.40 22.25 1.46
N LYS A 56 33.93 23.42 1.11
CA LYS A 56 34.90 24.12 1.94
C LYS A 56 34.31 24.46 3.29
N PHE A 57 32.97 24.59 3.37
CA PHE A 57 32.30 24.94 4.60
C PHE A 57 31.86 23.73 5.39
N LYS A 58 32.25 22.55 4.94
CA LYS A 58 31.89 21.30 5.63
C LYS A 58 31.85 21.41 7.16
N GLU A 59 32.92 21.93 7.74
CA GLU A 59 33.08 21.94 9.21
C GLU A 59 32.17 22.92 9.95
N PHE A 60 31.74 23.98 9.27
CA PHE A 60 30.70 24.89 9.78
C PHE A 60 29.48 24.10 10.24
N PHE A 61 29.19 22.99 9.54
CA PHE A 61 27.97 22.21 9.75
C PHE A 61 28.19 21.03 10.66
N SER A 62 29.39 20.93 11.23
CA SER A 62 29.71 19.86 12.16
C SER A 62 28.61 19.78 13.21
N GLY A 63 28.15 18.56 13.47
CA GLY A 63 27.09 18.31 14.42
C GLY A 63 25.67 18.70 13.98
N LEU A 64 25.53 19.36 12.84
CA LEU A 64 24.26 19.94 12.43
C LEU A 64 23.62 19.10 11.31
N ASN A 65 22.34 18.78 11.48
CA ASN A 65 21.57 17.99 10.51
C ASN A 65 20.71 18.89 9.64
N PRO A 66 20.56 18.53 8.34
CA PRO A 66 19.80 19.33 7.42
C PRO A 66 18.35 19.29 7.82
N ALA A 67 17.57 20.33 7.47
CA ALA A 67 16.17 20.46 7.83
C ALA A 67 16.00 20.73 9.31
N THR A 68 16.98 21.38 9.91
CA THR A 68 16.84 21.91 11.27
C THR A 68 17.18 23.38 11.22
N LYS A 69 16.68 24.14 12.18
CA LYS A 69 16.91 25.59 12.24
C LYS A 69 18.39 25.91 12.34
N GLU A 70 19.13 25.09 13.07
CA GLU A 70 20.56 25.31 13.29
C GLU A 70 21.33 25.26 11.96
N PHE A 71 21.02 24.24 11.17
CA PHE A 71 21.63 24.03 9.86
C PHE A 71 21.25 25.20 8.95
N ASN A 72 20.00 25.64 9.02
CA ASN A 72 19.55 26.75 8.16
C ASN A 72 20.19 28.04 8.54
N VAL A 73 20.31 28.28 9.85
CA VAL A 73 21.09 29.46 10.34
C VAL A 73 22.48 29.48 9.71
N VAL A 74 23.19 28.37 9.84
CA VAL A 74 24.55 28.31 9.33
C VAL A 74 24.55 28.44 7.79
N TRP A 75 23.64 27.75 7.08
CA TRP A 75 23.56 27.91 5.62
C TRP A 75 23.37 29.38 5.24
N GLN A 76 22.47 30.08 5.89
CA GLN A 76 22.22 31.48 5.49
C GLN A 76 23.34 32.44 5.92
N ASP A 77 24.01 32.11 7.03
CA ASP A 77 25.21 32.84 7.45
C ASP A 77 26.25 32.80 6.31
N ILE A 78 26.61 31.60 5.89
CA ILE A 78 27.56 31.43 4.79
C ILE A 78 27.14 32.17 3.53
N ALA A 79 25.87 32.12 3.16
CA ALA A 79 25.40 32.82 1.96
C ALA A 79 25.42 34.35 2.09
N SER A 80 25.27 34.83 3.33
CA SER A 80 25.44 36.24 3.64
C SER A 80 26.91 36.63 3.44
N ARG A 81 27.79 35.91 4.16
CA ARG A 81 29.17 36.34 4.33
C ARG A 81 30.08 35.92 3.21
N TYR A 82 29.71 34.90 2.42
CA TYR A 82 30.49 34.52 1.24
C TYR A 82 29.56 34.24 0.02
N PRO A 83 28.76 35.23 -0.40
CA PRO A 83 27.72 34.99 -1.43
C PRO A 83 28.22 34.43 -2.73
N GLN A 84 29.39 34.88 -3.13
CA GLN A 84 29.88 34.67 -4.47
C GLN A 84 30.55 33.31 -4.53
N GLU A 85 31.32 33.01 -3.51
CA GLU A 85 32.02 31.75 -3.45
C GLU A 85 30.98 30.62 -3.27
N PHE A 86 29.96 30.83 -2.43
CA PHE A 86 28.94 29.80 -2.12
C PHE A 86 28.18 29.47 -3.37
N ARG A 87 27.80 30.49 -4.12
CA ARG A 87 27.02 30.27 -5.32
C ARG A 87 27.81 29.43 -6.30
N GLU A 88 29.08 29.80 -6.50
CA GLU A 88 29.92 29.12 -7.44
C GLU A 88 30.24 27.69 -6.98
N GLU A 89 30.44 27.49 -5.69
CA GLU A 89 30.70 26.14 -5.19
C GLU A 89 29.46 25.26 -5.41
N GLN A 90 28.26 25.85 -5.34
CA GLN A 90 27.03 25.11 -5.56
C GLN A 90 26.94 24.71 -7.00
N HIS A 91 27.18 25.66 -7.89
CA HIS A 91 27.14 25.40 -9.33
C HIS A 91 28.16 24.36 -9.77
N GLN A 92 29.39 24.49 -9.29
CA GLN A 92 30.38 23.48 -9.55
C GLN A 92 29.96 22.09 -9.08
N PHE A 93 29.22 22.00 -7.96
CA PHE A 93 28.78 20.70 -7.43
C PHE A 93 27.75 20.05 -8.35
N ILE A 94 26.82 20.87 -8.85
CA ILE A 94 25.86 20.37 -9.85
C ILE A 94 26.61 19.94 -11.11
N LYS A 95 27.58 20.73 -11.54
CA LYS A 95 28.37 20.34 -12.71
C LYS A 95 29.10 19.04 -12.52
N ARG A 96 29.76 18.88 -11.38
CA ARG A 96 30.55 17.68 -11.10
C ARG A 96 29.71 16.44 -10.94
N THR A 97 28.48 16.58 -10.49
CA THR A 97 27.62 15.44 -10.20
C THR A 97 26.60 15.11 -11.27
N HIS A 98 26.48 15.95 -12.29
CA HIS A 98 25.61 15.61 -13.41
C HIS A 98 26.31 15.72 -14.76
N TYR A 99 26.62 16.94 -15.19
CA TYR A 99 27.25 17.17 -16.49
C TYR A 99 28.58 16.42 -16.66
N ASP A 100 29.52 16.60 -15.73
CA ASP A 100 30.84 15.95 -15.86
C ASP A 100 30.65 14.42 -15.91
N ILE A 101 29.69 13.92 -15.15
CA ILE A 101 29.44 12.49 -15.10
C ILE A 101 28.82 12.01 -16.43
N GLN A 102 27.93 12.81 -17.01
CA GLN A 102 27.28 12.38 -18.27
C GLN A 102 28.30 12.44 -19.40
N ILE A 103 29.11 13.48 -19.48
CA ILE A 103 30.18 13.52 -20.47
C ILE A 103 30.96 12.21 -20.45
N GLY A 104 31.32 11.76 -19.25
CA GLY A 104 32.03 10.50 -19.09
C GLY A 104 31.24 9.26 -19.49
N HIS A 105 29.99 9.17 -19.03
CA HIS A 105 29.13 8.03 -19.32
C HIS A 105 28.95 7.85 -20.85
N LEU A 106 28.72 8.95 -21.55
CA LEU A 106 28.62 9.01 -23.00
C LEU A 106 29.93 8.58 -23.68
N ARG A 107 31.07 8.97 -23.10
CA ARG A 107 32.36 8.51 -23.59
C ARG A 107 32.44 7.01 -23.50
N GLY A 108 31.87 6.47 -22.43
CA GLY A 108 31.83 5.03 -22.25
C GLY A 108 30.93 4.29 -23.22
N LYS A 109 30.02 5.00 -23.87
CA LYS A 109 29.21 4.39 -24.92
C LYS A 109 29.80 4.67 -26.31
N GLY A 110 30.98 5.28 -26.37
CA GLY A 110 31.60 5.65 -27.63
C GLY A 110 31.08 6.92 -28.27
N LEU A 111 30.53 7.82 -27.45
CA LEU A 111 30.05 9.13 -27.93
C LEU A 111 30.90 10.25 -27.33
N LEU A 112 31.63 10.95 -28.19
CA LEU A 112 32.59 11.95 -27.73
C LEU A 112 32.12 13.30 -28.13
N PHE A 113 32.49 14.30 -27.32
CA PHE A 113 32.08 15.66 -27.57
C PHE A 113 33.22 16.61 -27.23
N GLU A 114 34.38 16.31 -27.81
CA GLU A 114 35.61 17.02 -27.48
C GLU A 114 35.68 18.30 -28.29
N HIS A 115 34.80 19.23 -27.92
CA HIS A 115 34.73 20.55 -28.49
C HIS A 115 34.05 21.45 -27.45
N ASN A 116 33.77 22.70 -27.79
CA ASN A 116 33.17 23.64 -26.83
C ASN A 116 31.96 24.40 -27.40
N ARG A 117 31.23 23.78 -28.32
CA ARG A 117 30.03 24.41 -28.92
C ARG A 117 28.90 24.38 -27.91
N ALA A 118 28.26 25.53 -27.72
CA ALA A 118 27.43 25.73 -26.55
C ALA A 118 26.14 24.90 -26.52
N ALA A 119 25.45 24.86 -27.66
CA ALA A 119 24.13 24.22 -27.74
C ALA A 119 24.13 22.76 -27.29
N VAL A 120 25.03 21.96 -27.84
CA VAL A 120 25.06 20.53 -27.57
C VAL A 120 25.53 20.26 -26.13
N HIS A 121 26.30 21.20 -25.58
CA HIS A 121 26.76 21.03 -24.22
C HIS A 121 25.68 21.45 -23.25
N ASP A 122 24.84 22.40 -23.63
CA ASP A 122 23.68 22.73 -22.82
C ASP A 122 22.70 21.58 -22.81
N LEU A 123 22.55 20.92 -23.94
CA LEU A 123 21.72 19.73 -24.06
C LEU A 123 22.19 18.67 -23.06
N ILE A 124 23.49 18.43 -23.02
CA ILE A 124 24.07 17.40 -22.17
C ILE A 124 23.88 17.78 -20.70
N TRP A 125 24.13 19.02 -20.35
CA TRP A 125 23.91 19.48 -19.01
C TRP A 125 22.48 19.28 -18.61
N SER A 126 21.57 19.87 -19.38
CA SER A 126 20.14 19.76 -19.12
C SER A 126 19.70 18.32 -18.89
N THR A 127 20.09 17.46 -19.81
CA THR A 127 19.62 16.08 -19.75
C THR A 127 20.17 15.37 -18.52
N SER A 128 21.41 15.64 -18.18
CA SER A 128 22.05 14.97 -17.06
C SER A 128 21.38 15.41 -15.75
N VAL A 129 20.99 16.67 -15.67
CA VAL A 129 20.28 17.16 -14.50
C VAL A 129 18.86 16.59 -14.43
N GLN A 130 18.18 16.45 -15.57
CA GLN A 130 16.79 16.01 -15.52
C GLN A 130 16.70 14.50 -15.40
N PHE A 131 17.63 13.77 -16.00
CA PHE A 131 17.55 12.30 -15.98
C PHE A 131 18.68 11.58 -15.25
N GLY A 132 19.67 12.31 -14.76
CA GLY A 132 20.78 11.73 -13.97
C GLY A 132 22.10 11.77 -14.74
N GLY A 133 23.19 11.94 -14.01
CA GLY A 133 24.52 11.87 -14.58
C GLY A 133 24.85 10.62 -15.38
N ARG A 134 24.17 9.52 -15.07
CA ARG A 134 24.41 8.25 -15.75
C ARG A 134 23.27 7.86 -16.68
N THR A 135 22.36 8.79 -16.97
CA THR A 135 21.23 8.48 -17.86
C THR A 135 21.69 7.91 -19.20
N ASN A 136 20.91 6.98 -19.72
CA ASN A 136 21.13 6.46 -21.06
C ASN A 136 20.30 7.16 -22.13
N LEU A 137 19.60 8.23 -21.77
CA LEU A 137 18.68 8.88 -22.69
C LEU A 137 19.35 9.33 -23.98
N ILE A 138 20.52 9.95 -23.86
CA ILE A 138 21.13 10.50 -25.05
C ILE A 138 21.58 9.33 -25.91
N PHE A 139 22.31 8.40 -25.29
CA PHE A 139 22.73 7.20 -25.99
C PHE A 139 21.56 6.54 -26.73
N ASN A 140 20.46 6.30 -26.02
CA ASN A 140 19.28 5.66 -26.62
C ASN A 140 18.69 6.43 -27.80
N ALA A 141 18.64 7.75 -27.70
CA ALA A 141 18.11 8.62 -28.76
C ALA A 141 19.03 8.65 -29.99
N LEU A 142 20.33 8.47 -29.78
CA LEU A 142 21.33 8.42 -30.86
C LEU A 142 21.62 7.00 -31.34
N ASN A 143 20.90 6.02 -30.80
CA ASN A 143 21.20 4.62 -31.07
C ASN A 143 21.09 4.25 -32.55
N GLY A 144 22.21 3.84 -33.14
CA GLY A 144 22.23 3.39 -34.54
C GLY A 144 22.23 4.48 -35.60
N GLN A 145 22.64 5.69 -35.24
CA GLN A 145 22.85 6.77 -36.21
C GLN A 145 24.34 6.84 -36.53
N ASN A 146 24.67 7.48 -37.66
CA ASN A 146 26.07 7.67 -38.04
C ASN A 146 26.63 8.95 -37.44
N GLU A 148 29.64 10.02 -37.46
CA GLU A 148 30.59 10.66 -38.36
C GLU A 148 29.89 11.80 -39.10
N SER A 149 28.71 11.51 -39.65
CA SER A 149 27.99 12.46 -40.48
C SER A 149 26.69 12.95 -39.83
N THR A 151 25.03 16.18 -37.54
CA THR A 151 25.26 17.56 -37.15
C THR A 151 24.76 17.84 -35.74
N ASP A 152 25.30 18.89 -35.13
CA ASP A 152 24.82 19.33 -33.82
C ASP A 152 23.30 19.51 -33.83
N LYS A 153 22.78 19.99 -34.96
CA LYS A 153 21.35 20.23 -35.12
C LYS A 153 20.55 18.92 -35.10
N ASP A 154 21.11 17.89 -35.73
CA ASP A 154 20.46 16.58 -35.79
C ASP A 154 20.42 15.96 -34.39
N ILE A 155 21.59 15.97 -33.71
CA ILE A 155 21.72 15.50 -32.33
C ILE A 155 20.64 16.16 -31.47
N ILE A 156 20.58 17.48 -31.48
CA ILE A 156 19.59 18.21 -30.69
C ILE A 156 18.15 17.79 -31.03
N ILE A 157 17.89 17.50 -32.31
CA ILE A 157 16.54 17.11 -32.74
C ILE A 157 16.19 15.71 -32.26
N LEU A 158 17.09 14.78 -32.45
CA LEU A 158 16.88 13.44 -32.03
C LEU A 158 16.65 13.31 -30.53
N VAL A 159 17.55 13.88 -29.73
CA VAL A 159 17.42 13.87 -28.27
C VAL A 159 16.11 14.49 -27.81
N GLN A 160 15.76 15.70 -28.26
CA GLN A 160 14.55 16.35 -27.75
C GLN A 160 13.24 15.71 -28.19
N ASP A 161 13.22 15.15 -29.39
CA ASP A 161 12.06 14.36 -29.83
C ASP A 161 11.94 13.06 -29.02
N TYR A 162 13.07 12.41 -28.74
CA TYR A 162 13.08 11.20 -27.88
C TYR A 162 12.41 11.56 -26.54
N LYS A 163 12.89 12.64 -25.92
CA LYS A 163 12.32 13.10 -24.65
C LYS A 163 10.83 13.24 -24.72
N LEU A 164 10.39 13.91 -25.78
CA LEU A 164 8.97 14.25 -25.92
C LEU A 164 8.15 13.00 -26.04
N VAL A 165 8.59 12.14 -26.94
CA VAL A 165 7.85 10.97 -27.36
C VAL A 165 7.89 9.84 -26.33
N ASN A 166 8.89 9.85 -25.45
CA ASN A 166 8.96 8.83 -24.38
C ASN A 166 8.51 9.32 -23.01
N THR A 167 8.01 10.56 -22.95
CA THR A 167 7.53 11.17 -21.73
C THR A 167 6.53 10.28 -20.98
N GLU A 168 5.56 9.72 -21.71
CA GLU A 168 4.52 8.93 -21.08
C GLU A 168 5.10 7.65 -20.47
N ARG A 169 6.08 7.04 -21.14
CA ARG A 169 6.74 5.83 -20.68
C ARG A 169 7.66 6.09 -19.50
N LEU A 170 8.49 7.12 -19.60
CA LEU A 170 9.49 7.43 -18.55
C LEU A 170 8.89 8.01 -17.29
N PHE A 171 7.68 8.54 -17.43
CA PHE A 171 6.96 9.16 -16.35
C PHE A 171 5.58 8.52 -16.27
N LYS A 172 5.53 7.19 -16.33
CA LYS A 172 4.26 6.47 -16.32
C LYS A 172 3.48 6.76 -15.05
N SER A 173 4.22 6.89 -13.96
CA SER A 173 3.65 7.05 -12.64
C SER A 173 3.09 8.45 -12.38
N SER A 174 3.39 9.45 -13.23
CA SER A 174 3.01 10.82 -12.94
C SER A 174 2.32 11.58 -14.11
N PRO A 175 1.15 11.07 -14.54
CA PRO A 175 0.45 11.58 -15.72
C PRO A 175 -0.07 13.02 -15.64
N SER A 176 -0.32 13.55 -14.45
CA SER A 176 -0.76 14.93 -14.37
C SER A 176 0.34 15.94 -14.69
N TRP A 177 1.58 15.47 -14.87
CA TRP A 177 2.72 16.32 -15.21
C TRP A 177 3.16 16.15 -16.66
N TRP A 178 2.52 15.25 -17.39
CA TRP A 178 2.94 15.00 -18.78
C TRP A 178 2.90 16.27 -19.62
N SER A 179 1.85 17.05 -19.46
CA SER A 179 1.67 18.28 -20.24
C SER A 179 2.82 19.25 -19.99
N ASP A 180 3.12 19.50 -18.72
CA ASP A 180 4.31 20.29 -18.36
C ASP A 180 5.60 19.74 -18.93
N LEU A 181 5.79 18.44 -18.79
CA LEU A 181 7.05 17.83 -19.19
C LEU A 181 7.22 17.85 -20.71
N LYS A 182 6.15 17.58 -21.43
CA LYS A 182 6.23 17.59 -22.92
C LYS A 182 6.53 19.00 -23.49
N LYS A 183 5.84 20.00 -22.96
CA LYS A 183 6.09 21.40 -23.30
C LYS A 183 7.56 21.77 -23.06
N ARG A 184 8.13 21.28 -21.96
CA ARG A 184 9.49 21.64 -21.63
C ARG A 184 10.39 21.08 -22.70
N ALA A 185 10.14 19.84 -23.11
CA ALA A 185 10.96 19.21 -24.15
C ALA A 185 10.89 19.98 -25.46
N VAL A 186 9.71 20.51 -25.77
CA VAL A 186 9.50 21.29 -27.00
C VAL A 186 10.19 22.63 -26.88
N SER A 187 9.99 23.28 -25.75
CA SER A 187 10.59 24.57 -25.50
C SER A 187 12.11 24.56 -25.45
N GLU A 188 12.70 23.53 -24.85
CA GLU A 188 14.15 23.46 -24.83
C GLU A 188 14.67 23.20 -26.21
N LYS A 189 13.94 22.42 -26.99
CA LYS A 189 14.36 22.18 -28.38
C LYS A 189 14.49 23.51 -29.14
N LYS A 190 13.47 24.35 -29.05
CA LYS A 190 13.48 25.64 -29.73
C LYS A 190 14.70 26.42 -29.29
N ALA A 191 14.84 26.60 -27.96
CA ALA A 191 15.94 27.36 -27.40
C ALA A 191 17.32 26.78 -27.70
N LEU A 192 17.44 25.46 -27.76
CA LEU A 192 18.74 24.87 -28.11
C LEU A 192 19.05 25.08 -29.59
N LEU A 193 18.00 25.08 -30.42
CA LEU A 193 18.17 25.27 -31.87
C LEU A 193 18.62 26.70 -32.18
N GLU A 194 18.01 27.67 -31.51
CA GLU A 194 18.43 29.06 -31.62
C GLU A 194 19.85 29.25 -31.15
N LEU A 195 20.17 28.67 -30.00
CA LEU A 195 21.53 28.71 -29.47
C LEU A 195 22.54 28.09 -30.43
N GLU A 196 22.16 27.02 -31.12
CA GLU A 196 23.09 26.35 -32.03
C GLU A 196 23.42 27.21 -33.26
N ILE A 197 22.44 28.00 -33.71
CA ILE A 197 22.65 28.90 -34.84
C ILE A 197 23.60 30.06 -34.50
N ASP A 198 23.39 30.70 -33.34
CA ASP A 198 24.32 31.71 -32.83
C ASP A 198 25.74 31.15 -32.65
N GLY A 199 25.89 29.83 -32.74
CA GLY A 199 27.19 29.17 -32.79
C GLY A 199 28.18 29.61 -31.73
N LEU A 200 27.77 29.56 -30.46
CA LEU A 200 28.58 30.09 -29.36
C LEU A 200 29.49 29.05 -28.72
N GLU A 201 30.25 29.52 -27.72
CA GLU A 201 31.29 28.73 -27.08
C GLU A 201 31.08 28.67 -25.54
N VAL A 202 31.48 27.56 -24.90
CA VAL A 202 31.35 27.38 -23.44
C VAL A 202 32.68 26.96 -22.77
N ASP A 203 32.64 26.77 -21.45
CA ASP A 203 33.78 26.32 -20.62
C ASP A 203 34.88 27.35 -20.61
N CYS B 4 -0.48 25.88 -8.96
CA CYS B 4 -0.04 24.64 -9.68
C CYS B 4 -0.45 24.61 -11.16
N ASN B 5 -0.85 25.77 -11.68
CA ASN B 5 -1.11 25.96 -13.10
C ASN B 5 0.01 26.77 -13.77
N ASP B 6 0.96 27.21 -12.95
CA ASP B 6 2.05 28.04 -13.44
C ASP B 6 3.38 27.47 -12.97
N THR B 7 3.49 26.14 -12.97
CA THR B 7 4.80 25.50 -12.78
C THR B 7 5.73 25.79 -13.96
N SER B 8 5.22 25.71 -15.18
CA SER B 8 6.01 25.92 -16.39
C SER B 8 7.24 25.04 -16.41
N GLY B 9 7.10 23.80 -15.93
CA GLY B 9 8.20 22.82 -15.90
C GLY B 9 9.32 23.11 -14.90
N VAL B 10 9.12 24.10 -14.02
CA VAL B 10 10.14 24.39 -13.00
C VAL B 10 10.09 23.28 -11.96
N HIS B 11 11.17 22.53 -11.87
CA HIS B 11 11.18 21.33 -11.06
C HIS B 11 10.72 21.56 -9.62
N GLN B 12 11.32 22.52 -8.94
CA GLN B 12 10.98 22.80 -7.54
C GLN B 12 9.52 23.15 -7.33
N LYS B 13 8.91 23.80 -8.31
CA LYS B 13 7.49 24.15 -8.23
C LYS B 13 6.61 22.92 -8.34
N ILE B 14 7.01 21.97 -9.17
CA ILE B 14 6.30 20.69 -9.27
C ILE B 14 6.36 19.91 -7.94
N LEU B 15 7.56 19.83 -7.37
CA LEU B 15 7.73 19.18 -6.04
C LEU B 15 6.88 19.83 -4.98
N VAL B 16 6.87 21.15 -4.92
CA VAL B 16 6.03 21.88 -3.94
C VAL B 16 4.57 21.49 -4.10
N CYS B 17 4.09 21.43 -5.34
CA CYS B 17 2.70 21.05 -5.60
C CYS B 17 2.43 19.64 -5.06
N ILE B 18 3.33 18.72 -5.39
CA ILE B 18 3.13 17.34 -4.97
C ILE B 18 3.15 17.28 -3.44
N GLN B 19 4.17 17.93 -2.86
CA GLN B 19 4.34 17.95 -1.40
C GLN B 19 3.17 18.55 -0.64
N ASN B 20 2.56 19.61 -1.18
CA ASN B 20 1.37 20.15 -0.54
C ASN B 20 0.20 19.17 -0.59
N GLU B 21 0.07 18.42 -1.67
CA GLU B 21 -0.96 17.38 -1.74
C GLU B 21 -0.68 16.23 -0.76
N ILE B 22 0.60 15.88 -0.61
CA ILE B 22 0.99 14.81 0.31
C ILE B 22 0.61 15.22 1.72
N ALA B 23 0.99 16.44 2.10
CA ALA B 23 0.70 16.94 3.44
C ALA B 23 -0.81 16.98 3.72
N LYS B 24 -1.58 17.36 2.72
CA LYS B 24 -3.02 17.41 2.86
C LYS B 24 -3.56 16.00 3.13
N SER B 25 -3.12 15.04 2.32
CA SER B 25 -3.55 13.66 2.46
C SER B 25 -3.11 13.07 3.81
N GLU B 26 -1.88 13.36 4.25
CA GLU B 26 -1.42 12.92 5.59
C GLU B 26 -2.37 13.46 6.66
N THR B 27 -2.78 14.70 6.50
CA THR B 27 -3.63 15.36 7.48
C THR B 27 -5.05 14.81 7.41
N GLN B 28 -5.57 14.55 6.21
CA GLN B 28 -6.86 13.86 6.10
C GLN B 28 -6.87 12.51 6.81
N ILE B 29 -5.82 11.72 6.59
CA ILE B 29 -5.70 10.37 7.15
C ILE B 29 -5.56 10.41 8.67
N ARG B 30 -4.62 11.22 9.13
CA ARG B 30 -4.34 11.36 10.54
C ARG B 30 -5.56 11.87 11.32
N ASN B 31 -6.32 12.81 10.75
CA ASN B 31 -7.47 13.37 11.46
C ASN B 31 -8.67 12.42 11.48
N ASN B 32 -8.86 11.68 10.40
CA ASN B 32 -9.89 10.66 10.34
C ASN B 32 -9.65 9.53 11.36
N ILE B 33 -8.42 9.05 11.47
CA ILE B 33 -8.08 8.09 12.50
C ILE B 33 -8.30 8.67 13.90
N SER B 34 -7.81 9.90 14.10
CA SER B 34 -8.01 10.62 15.35
C SER B 34 -9.44 10.70 15.76
N SER B 35 -10.32 10.94 14.80
CA SER B 35 -11.72 11.17 15.12
C SER B 35 -12.52 9.91 15.46
N LYS B 36 -11.89 8.74 15.54
CA LYS B 36 -12.62 7.50 15.76
C LYS B 36 -12.53 7.00 17.18
N SER B 37 -13.66 6.55 17.70
CA SER B 37 -13.76 6.01 19.05
C SER B 37 -12.84 4.80 19.28
N ILE B 38 -12.37 4.68 20.54
CA ILE B 38 -11.57 3.54 21.04
C ILE B 38 -12.13 2.16 20.63
N ASP B 39 -13.44 2.16 20.39
CA ASP B 39 -14.19 1.24 19.50
C ASP B 39 -13.54 0.67 18.23
N TYR B 40 -13.24 1.53 17.24
CA TYR B 40 -12.72 1.10 15.87
C TYR B 40 -11.34 0.44 15.83
N GLY B 41 -10.61 0.45 16.94
CA GLY B 41 -9.40 -0.36 17.11
C GLY B 41 -8.09 0.09 16.50
N PHE B 42 -8.00 1.33 16.05
CA PHE B 42 -6.76 1.86 15.50
C PHE B 42 -5.72 1.96 16.58
N PRO B 43 -4.61 1.19 16.43
CA PRO B 43 -3.50 1.40 17.33
C PRO B 43 -2.98 2.85 17.27
N ASP B 44 -2.44 3.32 18.39
CA ASP B 44 -1.91 4.70 18.50
C ASP B 44 -0.89 5.00 17.42
N ASP B 45 -0.04 4.02 17.14
CA ASP B 45 1.02 4.16 16.19
C ASP B 45 0.68 3.62 14.80
N PHE B 46 -0.61 3.51 14.46
CA PHE B 46 -0.98 2.96 13.15
C PHE B 46 -0.58 3.90 12.01
N TYR B 47 -0.97 5.16 12.11
CA TYR B 47 -0.61 6.11 11.07
C TYR B 47 0.89 6.13 10.84
N SER B 48 1.66 6.32 11.91
CA SER B 48 3.08 6.59 11.80
C SER B 48 3.85 5.37 11.29
N LYS B 49 3.36 4.18 11.60
CA LYS B 49 3.97 2.98 11.05
C LYS B 49 3.65 2.82 9.55
N GLN B 50 2.42 3.04 9.14
CA GLN B 50 2.05 2.93 7.72
C GLN B 50 2.73 4.04 6.90
N ARG B 51 2.86 5.21 7.49
CA ARG B 51 3.52 6.32 6.81
C ARG B 51 4.99 6.04 6.61
N LEU B 52 5.63 5.42 7.61
CA LEU B 52 7.03 5.10 7.49
C LEU B 52 7.23 4.04 6.40
N ALA B 53 6.41 3.01 6.42
CA ALA B 53 6.49 1.96 5.41
C ALA B 53 6.26 2.49 3.99
N ILE B 54 5.35 3.44 3.87
CA ILE B 54 5.17 4.11 2.57
C ILE B 54 6.42 4.86 2.15
N HIS B 55 7.01 5.63 3.08
CA HIS B 55 8.25 6.35 2.80
C HIS B 55 9.34 5.40 2.32
N GLU B 56 9.57 4.32 3.05
CA GLU B 56 10.60 3.36 2.67
C GLU B 56 10.33 2.75 1.30
N LYS B 57 9.07 2.53 0.98
CA LYS B 57 8.71 2.01 -0.34
C LYS B 57 9.09 2.99 -1.46
N CYS B 58 8.75 4.26 -1.25
CA CYS B 58 8.93 5.23 -2.29
C CYS B 58 10.41 5.65 -2.35
N LEU B 60 12.85 3.91 -2.68
CA LEU B 60 13.55 3.15 -3.68
C LEU B 60 13.93 3.99 -4.86
N TYR B 61 13.16 5.03 -5.11
CA TYR B 61 13.39 5.93 -6.24
C TYR B 61 14.64 6.79 -6.08
N ILE B 62 15.27 6.72 -4.92
CA ILE B 62 16.60 7.30 -4.78
C ILE B 62 17.56 6.64 -5.76
N ASN B 63 17.25 5.42 -6.23
CA ASN B 63 18.09 4.73 -7.21
C ASN B 63 17.77 5.08 -8.68
N VAL B 64 16.90 6.08 -8.89
CA VAL B 64 16.60 6.57 -10.22
C VAL B 64 17.12 8.00 -10.34
N GLY B 65 17.91 8.27 -11.35
CA GLY B 65 18.66 9.51 -11.40
C GLY B 65 17.84 10.77 -11.61
N GLY B 66 18.43 11.88 -11.19
CA GLY B 66 17.98 13.20 -11.55
C GLY B 66 16.63 13.67 -11.08
N GLN B 67 16.21 14.78 -11.69
CA GLN B 67 14.90 15.32 -11.45
C GLN B 67 13.81 14.26 -11.57
N ARG B 68 13.90 13.45 -12.61
CA ARG B 68 12.95 12.36 -12.84
C ARG B 68 12.77 11.46 -11.60
N GLY B 69 13.85 10.96 -11.03
CA GLY B 69 13.73 10.09 -9.83
C GLY B 69 13.06 10.82 -8.68
N GLU B 70 13.39 12.08 -8.49
CA GLU B 70 12.82 12.84 -7.41
C GLU B 70 11.34 13.06 -7.60
N LEU B 71 10.92 13.44 -8.83
CA LEU B 71 9.52 13.59 -9.17
C LEU B 71 8.77 12.31 -8.91
N LEU B 72 9.26 11.19 -9.44
CA LEU B 72 8.59 9.90 -9.22
C LEU B 72 8.55 9.50 -7.73
N ASN B 74 8.26 11.51 -5.17
CA ASN B 74 7.22 12.29 -4.51
C ASN B 74 5.85 11.87 -5.00
N GLN B 75 5.76 11.56 -6.27
CA GLN B 75 4.47 11.14 -6.83
C GLN B 75 4.02 9.79 -6.21
N CYS B 76 4.99 8.89 -6.02
CA CYS B 76 4.74 7.64 -5.30
C CYS B 76 4.22 7.89 -3.89
N GLU B 77 4.88 8.75 -3.12
CA GLU B 77 4.41 9.09 -1.78
C GLU B 77 2.92 9.47 -1.85
N LEU B 78 2.58 10.39 -2.73
CA LEU B 78 1.21 10.83 -2.87
C LEU B 78 0.21 9.74 -3.22
N SER B 79 0.50 8.98 -4.24
CA SER B 79 -0.43 7.90 -4.66
C SER B 79 -0.61 6.87 -3.57
N LEU B 81 -0.36 7.36 -0.24
CA LEU B 81 -1.18 7.96 0.80
C LEU B 81 -2.65 8.06 0.40
N GLN B 82 -2.90 8.43 -0.84
CA GLN B 82 -4.23 8.41 -1.38
C GLN B 82 -4.83 7.02 -1.29
N GLY B 83 -4.03 5.98 -1.58
CA GLY B 83 -4.51 4.61 -1.47
C GLY B 83 -4.87 4.32 -0.04
N LEU B 84 -4.01 4.74 0.87
CA LEU B 84 -4.21 4.48 2.28
C LEU B 84 -5.44 5.20 2.86
N ASP B 85 -5.69 6.41 2.35
CA ASP B 85 -6.84 7.17 2.80
C ASP B 85 -8.13 6.42 2.40
N ILE B 86 -8.21 6.01 1.14
CA ILE B 86 -9.37 5.27 0.65
C ILE B 86 -9.57 3.97 1.46
N TYR B 87 -8.47 3.30 1.81
CA TYR B 87 -8.56 2.02 2.53
C TYR B 87 -9.10 2.23 3.92
N ILE B 88 -8.60 3.24 4.60
CA ILE B 88 -9.08 3.54 5.95
C ILE B 88 -10.55 3.93 5.95
N GLN B 89 -11.00 4.62 4.91
CA GLN B 89 -12.40 5.00 4.80
C GLN B 89 -13.22 3.73 4.71
N GLN B 90 -12.90 2.93 3.69
CA GLN B 90 -13.55 1.65 3.45
C GLN B 90 -13.62 0.75 4.69
N TYR B 91 -12.54 0.68 5.45
CA TYR B 91 -12.55 -0.09 6.70
C TYR B 91 -13.56 0.42 7.74
N ILE B 92 -13.50 1.73 7.98
CA ILE B 92 -14.44 2.42 8.83
C ILE B 92 -15.87 2.09 8.37
N GLU B 93 -16.14 2.19 7.08
CA GLU B 93 -17.43 1.79 6.56
C GLU B 93 -17.79 0.33 6.90
N ASP B 94 -16.85 -0.59 6.69
CA ASP B 94 -17.10 -2.00 6.96
C ASP B 94 -17.41 -2.25 8.43
N VAL B 95 -16.80 -1.49 9.33
CA VAL B 95 -17.17 -1.55 10.73
C VAL B 95 -18.57 -0.97 10.97
N ASP B 96 -18.92 0.11 10.29
CA ASP B 96 -20.24 0.75 10.44
C ASP B 96 -21.36 -0.15 9.91
N ASN B 97 -21.12 -0.70 8.72
CA ASN B 97 -22.03 -1.65 8.06
C ASN B 97 -22.31 -2.97 8.79
N SER B 98 -21.56 -3.23 9.85
CA SER B 98 -21.73 -4.43 10.66
C SER B 98 -22.93 -4.29 11.61
N ILE C 4 -35.28 -31.76 19.75
CA ILE C 4 -34.93 -32.82 18.75
C ILE C 4 -34.13 -32.30 17.54
N TRP C 5 -34.38 -31.06 17.08
CA TRP C 5 -33.53 -30.44 16.01
C TRP C 5 -32.21 -29.89 16.61
N PRO C 6 -31.07 -30.25 15.99
CA PRO C 6 -29.80 -29.74 16.49
C PRO C 6 -29.58 -28.29 16.03
N LEU C 7 -29.46 -27.40 17.02
CA LEU C 7 -29.21 -25.98 16.77
C LEU C 7 -28.00 -25.79 15.86
N GLY C 8 -28.17 -25.03 14.79
CA GLY C 8 -27.04 -24.73 13.90
C GLY C 8 -26.90 -25.68 12.73
N LYS C 9 -27.74 -26.72 12.70
CA LYS C 9 -27.67 -27.74 11.65
C LYS C 9 -27.82 -27.15 10.23
N THR C 10 -28.72 -26.19 10.05
CA THR C 10 -28.90 -25.56 8.74
C THR C 10 -27.60 -25.00 8.13
N SER C 11 -26.73 -24.40 8.95
CA SER C 11 -25.54 -23.73 8.40
C SER C 11 -24.28 -24.58 8.59
N GLU C 12 -24.51 -25.78 9.14
CA GLU C 12 -23.45 -26.71 9.46
C GLU C 12 -22.50 -26.93 8.32
N LYS C 13 -23.03 -27.00 7.10
CA LYS C 13 -22.17 -27.33 5.96
C LYS C 13 -21.16 -26.22 5.66
N TYR C 14 -21.53 -24.98 5.95
CA TYR C 14 -20.66 -23.83 5.73
C TYR C 14 -19.61 -23.61 6.83
N GLU C 15 -19.83 -24.21 8.01
CA GLU C 15 -19.09 -23.89 9.24
C GLU C 15 -18.18 -25.03 9.65
N SER C 16 -18.77 -26.20 9.89
CA SER C 16 -18.03 -27.36 10.36
C SER C 16 -17.80 -28.42 9.27
N ALA C 17 -18.75 -28.54 8.33
CA ALA C 17 -18.58 -29.39 7.14
C ALA C 17 -18.13 -30.85 7.42
N GLY C 18 -18.66 -31.47 8.48
CA GLY C 18 -18.38 -32.86 8.81
C GLY C 18 -17.00 -33.17 9.37
N ARG C 19 -16.27 -32.14 9.79
CA ARG C 19 -14.91 -32.32 10.24
C ARG C 19 -14.91 -32.92 11.63
N GLY C 20 -13.89 -33.70 11.93
CA GLY C 20 -13.69 -34.20 13.29
C GLY C 20 -12.99 -33.15 14.13
N PRO C 21 -13.03 -33.33 15.46
CA PRO C 21 -12.43 -32.39 16.43
C PRO C 21 -10.93 -32.29 16.37
N GLY C 22 -10.27 -33.23 15.69
CA GLY C 22 -8.81 -33.24 15.57
C GLY C 22 -8.27 -32.68 14.25
N VAL C 23 -9.14 -32.26 13.34
CA VAL C 23 -8.68 -31.65 12.06
C VAL C 23 -7.80 -30.40 12.26
N ILE C 24 -6.67 -30.38 11.56
CA ILE C 24 -5.80 -29.24 11.59
C ILE C 24 -5.34 -28.93 10.18
N SER C 25 -5.53 -27.69 9.75
CA SER C 25 -4.95 -27.26 8.49
C SER C 25 -3.99 -26.12 8.76
N THR C 26 -2.88 -26.18 8.06
CA THR C 26 -1.85 -25.18 8.16
C THR C 26 -2.12 -24.21 7.03
N GLY C 27 -2.22 -22.92 7.37
CA GLY C 27 -2.50 -21.89 6.37
C GLY C 27 -1.28 -21.69 5.49
N ASN C 28 -1.53 -21.65 4.19
CA ASN C 28 -0.50 -21.25 3.25
C ASN C 28 -0.18 -19.76 3.43
N GLY C 29 1.07 -19.40 3.18
CA GLY C 29 1.56 -18.02 3.26
C GLY C 29 2.32 -17.74 4.54
N ASP C 30 3.21 -16.74 4.49
CA ASP C 30 3.94 -16.23 5.66
C ASP C 30 3.10 -15.98 6.90
N TYR C 31 1.85 -15.57 6.72
CA TYR C 31 0.94 -15.29 7.84
C TYR C 31 -0.33 -16.16 7.80
N GLY C 32 -0.22 -17.36 7.24
CA GLY C 32 -1.38 -18.26 7.18
C GLY C 32 -1.88 -18.84 8.50
N GLY C 33 -0.97 -18.94 9.48
CA GLY C 33 -1.27 -19.51 10.79
C GLY C 33 -1.76 -20.95 10.63
N ALA C 34 -2.73 -21.33 11.43
CA ALA C 34 -3.30 -22.66 11.34
C ALA C 34 -4.70 -22.59 11.92
N SER C 35 -5.55 -23.50 11.49
CA SER C 35 -6.90 -23.59 11.96
C SER C 35 -7.20 -24.98 12.54
N TYR C 36 -7.97 -25.00 13.63
CA TYR C 36 -8.12 -26.15 14.50
C TYR C 36 -9.57 -26.58 14.73
N GLY C 37 -9.81 -27.88 14.64
CA GLY C 37 -11.06 -28.45 15.17
C GLY C 37 -12.14 -28.49 14.15
N CYS C 38 -13.34 -28.87 14.60
CA CYS C 38 -14.50 -29.03 13.74
C CYS C 38 -14.81 -27.74 12.96
N TYR C 39 -14.78 -26.60 13.66
CA TYR C 39 -15.11 -25.34 13.02
C TYR C 39 -13.92 -24.60 12.42
N GLN C 40 -12.72 -25.19 12.52
CA GLN C 40 -11.50 -24.61 11.99
C GLN C 40 -11.26 -23.20 12.52
N SER C 42 -9.20 -20.34 13.58
CA SER C 42 -7.86 -19.92 13.15
C SER C 42 -7.03 -19.37 14.32
N SER C 43 -5.73 -19.44 14.20
CA SER C 43 -4.82 -18.72 15.10
C SER C 43 -4.64 -17.23 14.73
N ASN C 44 -5.00 -16.88 13.49
CA ASN C 44 -4.69 -15.56 12.93
C ASN C 44 -5.37 -14.42 13.63
N LEU C 45 -6.59 -14.68 14.10
CA LEU C 45 -7.40 -13.65 14.70
C LEU C 45 -7.74 -13.96 16.12
N GLY C 46 -6.92 -14.78 16.77
CA GLY C 46 -7.05 -14.98 18.22
C GLY C 46 -8.13 -15.94 18.69
N VAL C 47 -8.83 -16.61 17.77
CA VAL C 47 -10.00 -17.37 18.13
C VAL C 47 -9.60 -18.64 18.88
N VAL C 48 -8.66 -19.39 18.32
CA VAL C 48 -8.26 -20.64 18.96
C VAL C 48 -7.59 -20.36 20.30
N GLN C 49 -6.81 -19.29 20.38
CA GLN C 49 -6.22 -18.86 21.64
C GLN C 49 -7.30 -18.63 22.69
N LYS C 50 -8.41 -18.00 22.30
CA LYS C 50 -9.48 -17.76 23.25
C LYS C 50 -10.12 -19.08 23.64
N TYR C 51 -10.30 -19.97 22.67
CA TYR C 51 -10.84 -21.30 22.94
C TYR C 51 -10.02 -22.06 23.98
N ILE C 52 -8.71 -22.11 23.75
CA ILE C 52 -7.80 -22.78 24.67
C ILE C 52 -7.90 -22.19 26.08
N GLN C 53 -7.88 -20.87 26.19
CA GLN C 53 -8.04 -20.19 27.49
C GLN C 53 -9.31 -20.61 28.28
N SER C 54 -10.37 -20.93 27.57
CA SER C 54 -11.62 -21.29 28.20
C SER C 54 -11.82 -22.79 28.31
N SER C 55 -10.87 -23.57 27.81
CA SER C 55 -11.09 -25.02 27.69
C SER C 55 -10.66 -25.73 28.95
N LYS C 56 -11.28 -26.86 29.21
CA LYS C 56 -10.86 -27.77 30.26
C LYS C 56 -9.43 -28.27 30.02
N PHE C 57 -9.00 -28.26 28.75
CA PHE C 57 -7.64 -28.70 28.42
C PHE C 57 -6.58 -27.62 28.43
N LYS C 58 -6.96 -26.42 28.87
CA LYS C 58 -6.04 -25.27 28.85
C LYS C 58 -4.61 -25.59 29.27
N GLU C 59 -4.44 -26.35 30.34
CA GLU C 59 -3.10 -26.57 30.88
C GLU C 59 -2.25 -27.53 30.04
N PHE C 60 -2.90 -28.41 29.28
CA PHE C 60 -2.19 -29.27 28.31
C PHE C 60 -1.31 -28.42 27.41
N PHE C 61 -1.78 -27.22 27.09
CA PHE C 61 -1.15 -26.37 26.11
C PHE C 61 -0.22 -25.36 26.72
N SER C 62 -0.01 -25.49 28.04
CA SER C 62 0.89 -24.61 28.78
C SER C 62 2.23 -24.53 28.05
N GLY C 63 2.70 -23.30 27.85
CA GLY C 63 3.95 -23.00 27.15
C GLY C 63 3.95 -23.17 25.62
N LEU C 64 2.84 -23.63 25.05
CA LEU C 64 2.77 -23.98 23.64
C LEU C 64 1.99 -22.94 22.85
N ASN C 65 2.49 -22.60 21.66
CA ASN C 65 1.82 -21.62 20.82
C ASN C 65 1.14 -22.28 19.65
N PRO C 66 -0.02 -21.75 19.23
CA PRO C 66 -0.74 -22.31 18.09
C PRO C 66 0.11 -22.21 16.84
N ALA C 67 -0.19 -23.05 15.83
CA ALA C 67 0.54 -23.08 14.58
C ALA C 67 1.98 -23.49 14.77
N THR C 68 2.24 -24.31 15.78
CA THR C 68 3.52 -24.98 15.95
C THR C 68 3.28 -26.46 16.06
N LYS C 69 4.28 -27.24 15.69
CA LYS C 69 4.20 -28.71 15.74
C LYS C 69 3.78 -29.25 17.12
N GLU C 70 4.33 -28.64 18.18
CA GLU C 70 4.05 -29.05 19.55
C GLU C 70 2.57 -28.92 19.90
N PHE C 71 1.98 -27.79 19.52
CA PHE C 71 0.58 -27.48 19.79
C PHE C 71 -0.28 -28.45 19.01
N ASN C 72 0.12 -28.75 17.78
CA ASN C 72 -0.66 -29.65 16.94
C ASN C 72 -0.67 -31.05 17.53
N VAL C 73 0.48 -31.48 18.05
CA VAL C 73 0.59 -32.81 18.71
C VAL C 73 -0.41 -32.90 19.84
N VAL C 74 -0.36 -31.92 20.74
CA VAL C 74 -1.24 -31.91 21.89
C VAL C 74 -2.67 -31.81 21.45
N TRP C 75 -3.01 -30.88 20.54
CA TRP C 75 -4.39 -30.85 20.00
C TRP C 75 -4.85 -32.21 19.45
N GLN C 76 -4.01 -32.90 18.71
CA GLN C 76 -4.49 -34.18 18.13
C GLN C 76 -4.51 -35.31 19.17
N ASP C 77 -3.60 -35.23 20.15
CA ASP C 77 -3.63 -36.16 21.28
C ASP C 77 -4.96 -36.03 22.04
N ILE C 78 -5.35 -34.81 22.40
CA ILE C 78 -6.68 -34.57 23.01
C ILE C 78 -7.81 -35.07 22.11
N ALA C 79 -7.73 -34.86 20.82
CA ALA C 79 -8.83 -35.30 19.98
C ALA C 79 -8.89 -36.83 19.92
N SER C 80 -7.72 -37.49 20.03
CA SER C 80 -7.67 -38.95 20.12
C SER C 80 -8.36 -39.46 21.40
N ARG C 81 -7.85 -39.03 22.56
CA ARG C 81 -8.21 -39.60 23.84
C ARG C 81 -9.53 -39.12 24.40
N TYR C 82 -10.02 -37.94 23.99
CA TYR C 82 -11.33 -37.47 24.44
C TYR C 82 -12.17 -36.87 23.30
N PRO C 83 -12.39 -37.64 22.22
CA PRO C 83 -13.04 -37.10 21.00
C PRO C 83 -14.44 -36.53 21.15
N GLN C 84 -15.17 -37.02 22.15
CA GLN C 84 -16.57 -36.67 22.32
C GLN C 84 -16.65 -35.38 23.10
N GLU C 85 -15.90 -35.35 24.20
CA GLU C 85 -15.82 -34.22 25.10
C GLU C 85 -15.21 -32.99 24.36
N PHE C 86 -14.21 -33.24 23.50
CA PHE C 86 -13.54 -32.19 22.71
C PHE C 86 -14.46 -31.62 21.67
N ARG C 87 -15.15 -32.48 20.93
CA ARG C 87 -16.06 -32.02 19.89
C ARG C 87 -17.15 -31.13 20.47
N GLU C 88 -17.66 -31.52 21.63
CA GLU C 88 -18.71 -30.80 22.33
C GLU C 88 -18.23 -29.48 22.92
N GLU C 89 -17.06 -29.47 23.57
CA GLU C 89 -16.51 -28.23 24.14
C GLU C 89 -16.33 -27.22 22.99
N GLN C 90 -15.96 -27.70 21.81
CA GLN C 90 -15.78 -26.84 20.63
C GLN C 90 -17.09 -26.26 20.17
N HIS C 91 -18.11 -27.11 20.07
CA HIS C 91 -19.40 -26.64 19.64
C HIS C 91 -20.00 -25.64 20.63
N GLN C 92 -19.82 -25.92 21.92
CA GLN C 92 -20.32 -25.03 22.96
C GLN C 92 -19.61 -23.68 22.91
N PHE C 93 -18.32 -23.69 22.56
CA PHE C 93 -17.56 -22.47 22.44
C PHE C 93 -18.10 -21.59 21.32
N ILE C 94 -18.38 -22.20 20.17
CA ILE C 94 -19.00 -21.47 19.04
C ILE C 94 -20.36 -20.90 19.43
N LYS C 95 -21.18 -21.69 20.10
CA LYS C 95 -22.47 -21.21 20.59
C LYS C 95 -22.32 -20.03 21.56
N ARG C 96 -21.43 -20.17 22.54
CA ARG C 96 -21.23 -19.15 23.56
C ARG C 96 -20.71 -17.84 23.02
N THR C 97 -19.92 -17.89 21.96
CA THR C 97 -19.32 -16.66 21.40
C THR C 97 -20.01 -16.15 20.12
N HIS C 98 -21.02 -16.84 19.61
CA HIS C 98 -21.79 -16.26 18.46
C HIS C 98 -23.28 -16.20 18.73
N TYR C 99 -23.93 -17.35 18.74
CA TYR C 99 -25.37 -17.44 18.96
C TYR C 99 -25.86 -16.79 20.24
N ASP C 100 -25.32 -17.26 21.38
CA ASP C 100 -25.71 -16.72 22.70
C ASP C 100 -25.55 -15.19 22.79
N ILE C 101 -24.49 -14.68 22.20
CA ILE C 101 -24.20 -13.24 22.19
C ILE C 101 -25.24 -12.51 21.33
N GLN C 102 -25.57 -13.07 20.17
CA GLN C 102 -26.54 -12.41 19.28
C GLN C 102 -27.95 -12.40 19.90
N ILE C 103 -28.34 -13.46 20.59
CA ILE C 103 -29.61 -13.47 21.33
C ILE C 103 -29.64 -12.28 22.29
N GLY C 104 -28.52 -12.06 22.96
CA GLY C 104 -28.43 -11.01 23.94
C GLY C 104 -28.49 -9.66 23.28
N HIS C 105 -27.63 -9.46 22.30
CA HIS C 105 -27.59 -8.25 21.51
C HIS C 105 -28.95 -7.87 20.93
N LEU C 106 -29.68 -8.87 20.45
CA LEU C 106 -31.02 -8.68 19.88
C LEU C 106 -32.01 -8.30 20.97
N ARG C 107 -31.84 -8.87 22.16
CA ARG C 107 -32.65 -8.47 23.31
C ARG C 107 -32.38 -7.03 23.65
N GLY C 108 -31.15 -6.59 23.47
CA GLY C 108 -30.82 -5.19 23.75
C GLY C 108 -31.46 -4.22 22.77
N LYS C 109 -31.71 -4.66 21.54
CA LYS C 109 -32.35 -3.83 20.52
C LYS C 109 -33.87 -3.81 20.67
N GLY C 110 -34.42 -4.70 21.50
CA GLY C 110 -35.86 -4.80 21.74
C GLY C 110 -36.47 -6.03 21.09
N LEU C 111 -35.63 -6.90 20.50
CA LEU C 111 -36.12 -8.06 19.77
C LEU C 111 -35.94 -9.35 20.58
N LEU C 112 -37.04 -9.99 20.94
CA LEU C 112 -37.03 -11.17 21.79
C LEU C 112 -37.40 -12.42 21.03
N PHE C 113 -36.81 -13.54 21.45
CA PHE C 113 -37.07 -14.80 20.79
C PHE C 113 -37.25 -15.92 21.80
N GLU C 114 -38.12 -15.67 22.77
CA GLU C 114 -38.27 -16.55 23.95
C GLU C 114 -39.19 -17.73 23.65
N HIS C 115 -38.70 -18.60 22.78
CA HIS C 115 -39.38 -19.80 22.34
C HIS C 115 -38.30 -20.74 21.83
N ASN C 116 -38.65 -21.89 21.30
CA ASN C 116 -37.65 -22.86 20.86
C ASN C 116 -37.89 -23.39 19.44
N ARG C 117 -38.58 -22.60 18.62
CA ARG C 117 -38.89 -22.99 17.23
C ARG C 117 -37.62 -22.99 16.38
N ALA C 118 -37.36 -24.09 15.67
CA ALA C 118 -36.01 -24.34 15.16
C ALA C 118 -35.52 -23.40 14.07
N ALA C 119 -36.38 -23.07 13.10
CA ALA C 119 -35.94 -22.30 11.94
C ALA C 119 -35.34 -20.94 12.33
N VAL C 120 -36.04 -20.19 13.15
CA VAL C 120 -35.61 -18.87 13.51
C VAL C 120 -34.33 -18.94 14.35
N HIS C 121 -34.20 -19.97 15.18
CA HIS C 121 -33.00 -20.07 15.98
C HIS C 121 -31.82 -20.49 15.13
N ASP C 122 -32.03 -21.27 14.07
CA ASP C 122 -30.95 -21.57 13.13
C ASP C 122 -30.55 -20.34 12.32
N LEU C 123 -31.53 -19.49 12.05
CA LEU C 123 -31.30 -18.21 11.37
C LEU C 123 -30.39 -17.35 12.22
N ILE C 124 -30.67 -17.32 13.52
CA ILE C 124 -29.90 -16.51 14.45
C ILE C 124 -28.48 -17.05 14.59
N TRP C 125 -28.33 -18.35 14.75
CA TRP C 125 -27.02 -19.01 14.74
C TRP C 125 -26.19 -18.65 13.52
N SER C 126 -26.72 -18.99 12.35
CA SER C 126 -25.99 -18.80 11.09
C SER C 126 -25.55 -17.36 10.94
N THR C 127 -26.48 -16.45 11.09
CA THR C 127 -26.16 -15.02 10.94
C THR C 127 -25.04 -14.56 11.90
N SER C 128 -25.11 -15.04 13.14
CA SER C 128 -24.14 -14.62 14.16
C SER C 128 -22.76 -15.23 13.87
N VAL C 129 -22.72 -16.43 13.31
CA VAL C 129 -21.45 -16.99 12.92
C VAL C 129 -20.93 -16.26 11.68
N GLN C 130 -21.81 -15.96 10.72
CA GLN C 130 -21.31 -15.36 9.49
C GLN C 130 -21.00 -13.87 9.68
N PHE C 131 -21.79 -13.17 10.49
CA PHE C 131 -21.61 -11.72 10.63
C PHE C 131 -21.13 -11.24 12.00
N GLY C 132 -21.08 -12.12 12.98
CA GLY C 132 -20.57 -11.75 14.31
C GLY C 132 -21.65 -11.83 15.36
N GLY C 133 -21.26 -12.14 16.59
CA GLY C 133 -22.22 -12.20 17.69
C GLY C 133 -22.93 -10.89 17.96
N ARG C 134 -22.28 -9.79 17.58
CA ARG C 134 -22.83 -8.46 17.77
C ARG C 134 -23.33 -7.83 16.49
N THR C 135 -23.49 -8.61 15.42
CA THR C 135 -23.99 -8.05 14.13
C THR C 135 -25.32 -7.35 14.31
N ASN C 136 -25.52 -6.27 13.58
CA ASN C 136 -26.83 -5.62 13.52
C ASN C 136 -27.66 -6.00 12.30
N LEU C 137 -27.23 -7.03 11.57
CA LEU C 137 -27.89 -7.41 10.31
C LEU C 137 -29.35 -7.77 10.52
N ILE C 138 -29.67 -8.53 11.57
CA ILE C 138 -31.07 -8.90 11.79
C ILE C 138 -31.88 -7.69 12.20
N PHE C 139 -31.37 -6.89 13.13
CA PHE C 139 -32.02 -5.63 13.47
C PHE C 139 -32.23 -4.77 12.23
N ASN C 140 -31.21 -4.68 11.38
CA ASN C 140 -31.33 -3.84 10.19
C ASN C 140 -32.35 -4.35 9.17
N ALA C 141 -32.49 -5.67 9.04
CA ALA C 141 -33.44 -6.27 8.09
C ALA C 141 -34.87 -6.15 8.57
N LEU C 142 -35.02 -6.01 9.89
CA LEU C 142 -36.32 -5.88 10.53
C LEU C 142 -36.67 -4.42 10.79
N ASN C 143 -35.90 -3.51 10.17
CA ASN C 143 -36.15 -2.08 10.28
C ASN C 143 -37.53 -1.67 9.81
N GLY C 144 -38.26 -0.96 10.66
CA GLY C 144 -39.61 -0.51 10.36
C GLY C 144 -40.70 -1.50 10.71
N GLN C 145 -40.35 -2.77 10.90
CA GLN C 145 -41.34 -3.80 11.20
C GLN C 145 -41.82 -3.77 12.66
N ASN C 146 -42.81 -4.61 12.94
CA ASN C 146 -43.45 -4.73 14.26
C ASN C 146 -43.46 -6.21 14.64
N GLU C 148 -44.84 -7.88 17.17
CA GLU C 148 -46.19 -8.41 17.43
C GLU C 148 -46.74 -9.16 16.22
N SER C 149 -46.85 -8.46 15.09
CA SER C 149 -47.56 -8.98 13.92
C SER C 149 -46.75 -9.94 13.06
N THR C 151 -44.61 -13.08 11.57
CA THR C 151 -44.50 -14.53 11.56
C THR C 151 -43.04 -14.94 11.44
N ASP C 152 -42.74 -16.17 11.82
CA ASP C 152 -41.38 -16.68 11.68
C ASP C 152 -40.94 -16.62 10.22
N LYS C 153 -41.86 -16.95 9.33
CA LYS C 153 -41.58 -16.92 7.90
C LYS C 153 -41.19 -15.53 7.44
N ASP C 154 -41.92 -14.52 7.93
CA ASP C 154 -41.63 -13.14 7.55
C ASP C 154 -40.19 -12.78 7.97
N ILE C 155 -39.81 -13.21 9.17
CA ILE C 155 -38.49 -12.93 9.68
C ILE C 155 -37.46 -13.61 8.81
N ILE C 156 -37.61 -14.90 8.55
CA ILE C 156 -36.69 -15.62 7.67
C ILE C 156 -36.54 -14.92 6.30
N ILE C 157 -37.67 -14.53 5.71
CA ILE C 157 -37.69 -13.88 4.38
C ILE C 157 -36.96 -12.54 4.36
N LEU C 158 -37.32 -11.69 5.29
CA LEU C 158 -36.70 -10.39 5.41
C LEU C 158 -35.21 -10.44 5.64
N VAL C 159 -34.76 -11.32 6.52
CA VAL C 159 -33.33 -11.41 6.85
C VAL C 159 -32.55 -11.96 5.66
N GLN C 160 -33.05 -13.02 5.05
CA GLN C 160 -32.33 -13.64 3.94
C GLN C 160 -32.27 -12.74 2.71
N ASP C 161 -33.32 -11.97 2.45
CA ASP C 161 -33.30 -11.07 1.31
C ASP C 161 -32.39 -9.86 1.58
N TYR C 162 -32.39 -9.38 2.82
CA TYR C 162 -31.45 -8.33 3.20
C TYR C 162 -30.03 -8.86 2.93
N LYS C 163 -29.74 -10.09 3.37
CA LYS C 163 -28.40 -10.66 3.15
C LYS C 163 -28.02 -10.62 1.68
N LEU C 164 -28.93 -11.14 0.83
CA LEU C 164 -28.71 -11.23 -0.62
C LEU C 164 -28.46 -9.86 -1.22
N VAL C 165 -29.37 -8.96 -0.94
CA VAL C 165 -29.42 -7.66 -1.57
C VAL C 165 -28.33 -6.71 -1.09
N ASN C 166 -27.77 -6.99 0.09
CA ASN C 166 -26.68 -6.18 0.63
C ASN C 166 -25.29 -6.82 0.50
N THR C 167 -25.24 -7.98 -0.16
CA THR C 167 -23.97 -8.68 -0.42
C THR C 167 -22.87 -7.74 -0.93
N GLU C 168 -23.15 -7.01 -2.01
CA GLU C 168 -22.12 -6.19 -2.64
C GLU C 168 -21.64 -5.08 -1.72
N ARG C 169 -22.54 -4.53 -0.90
CA ARG C 169 -22.17 -3.50 0.08
C ARG C 169 -21.33 -4.06 1.22
N LEU C 170 -21.82 -5.16 1.81
CA LEU C 170 -21.18 -5.78 2.97
C LEU C 170 -19.83 -6.42 2.65
N PHE C 171 -19.62 -6.77 1.39
CA PHE C 171 -18.42 -7.43 0.92
C PHE C 171 -17.84 -6.67 -0.29
N LYS C 172 -17.85 -5.34 -0.21
CA LYS C 172 -17.39 -4.51 -1.32
C LYS C 172 -15.96 -4.88 -1.67
N SER C 173 -15.15 -5.04 -0.65
CA SER C 173 -13.74 -5.40 -0.80
C SER C 173 -13.47 -6.77 -1.43
N SER C 174 -14.49 -7.62 -1.61
CA SER C 174 -14.26 -9.01 -2.05
C SER C 174 -15.22 -9.48 -3.15
N PRO C 175 -15.20 -8.80 -4.31
CA PRO C 175 -16.17 -9.05 -5.38
C PRO C 175 -16.12 -10.43 -6.01
N SER C 176 -14.99 -11.10 -5.93
CA SER C 176 -14.87 -12.41 -6.54
C SER C 176 -15.66 -13.50 -5.80
N TRP C 177 -16.25 -13.15 -4.65
CA TRP C 177 -17.01 -14.12 -3.87
C TRP C 177 -18.49 -13.79 -3.78
N TRP C 178 -18.90 -12.70 -4.44
CA TRP C 178 -20.28 -12.21 -4.37
C TRP C 178 -21.24 -13.30 -4.76
N SER C 179 -20.86 -14.08 -5.76
CA SER C 179 -21.73 -15.11 -6.32
C SER C 179 -21.97 -16.30 -5.39
N ASP C 180 -20.90 -16.85 -4.80
CA ASP C 180 -21.05 -17.88 -3.77
C ASP C 180 -21.85 -17.34 -2.58
N LEU C 181 -21.56 -16.11 -2.16
CA LEU C 181 -22.25 -15.50 -1.05
C LEU C 181 -23.73 -15.29 -1.32
N LYS C 182 -24.06 -14.81 -2.51
CA LYS C 182 -25.46 -14.58 -2.83
C LYS C 182 -26.21 -15.91 -2.91
N LYS C 183 -25.53 -16.90 -3.47
CA LYS C 183 -26.09 -18.23 -3.65
C LYS C 183 -26.36 -18.86 -2.28
N ARG C 184 -25.48 -18.59 -1.30
CA ARG C 184 -25.67 -19.05 0.07
C ARG C 184 -26.93 -18.46 0.71
N ALA C 185 -27.09 -17.15 0.61
CA ALA C 185 -28.26 -16.49 1.16
C ALA C 185 -29.56 -17.09 0.59
N VAL C 186 -29.56 -17.41 -0.71
CA VAL C 186 -30.72 -18.03 -1.37
C VAL C 186 -30.90 -19.46 -0.87
N SER C 187 -29.83 -20.23 -0.86
CA SER C 187 -29.92 -21.61 -0.40
C SER C 187 -30.34 -21.77 1.06
N GLU C 188 -29.77 -20.95 1.95
CA GLU C 188 -30.18 -20.99 3.35
C GLU C 188 -31.64 -20.61 3.48
N LYS C 189 -32.06 -19.61 2.72
CA LYS C 189 -33.47 -19.22 2.74
C LYS C 189 -34.39 -20.41 2.42
N LYS C 190 -34.06 -21.15 1.36
CA LYS C 190 -34.81 -22.34 0.98
C LYS C 190 -34.90 -23.30 2.16
N ALA C 191 -33.75 -23.74 2.65
CA ALA C 191 -33.69 -24.69 3.78
C ALA C 191 -34.40 -24.22 5.03
N LEU C 192 -34.33 -22.92 5.30
CA LEU C 192 -34.89 -22.41 6.54
C LEU C 192 -36.42 -22.43 6.49
N LEU C 193 -36.97 -22.10 5.32
CA LEU C 193 -38.42 -22.16 5.10
C LEU C 193 -38.93 -23.62 5.20
N GLU C 194 -38.27 -24.53 4.50
CA GLU C 194 -38.54 -25.98 4.67
C GLU C 194 -38.53 -26.40 6.15
N LEU C 195 -37.53 -25.93 6.90
CA LEU C 195 -37.43 -26.26 8.32
C LEU C 195 -38.55 -25.63 9.13
N GLU C 196 -38.94 -24.41 8.73
CA GLU C 196 -40.00 -23.67 9.42
C GLU C 196 -41.35 -24.40 9.30
N ILE C 197 -41.69 -24.75 8.06
CA ILE C 197 -42.88 -25.56 7.75
C ILE C 197 -42.95 -26.79 8.64
N ASP C 198 -41.88 -27.57 8.64
CA ASP C 198 -41.79 -28.78 9.45
C ASP C 198 -41.90 -28.53 10.97
N GLY C 199 -41.90 -27.27 11.40
CA GLY C 199 -42.24 -26.89 12.78
C GLY C 199 -41.52 -27.65 13.89
N LEU C 200 -40.19 -27.69 13.83
CA LEU C 200 -39.41 -28.44 14.80
C LEU C 200 -38.98 -27.56 15.97
N GLU C 201 -38.24 -28.16 16.91
CA GLU C 201 -37.90 -27.52 18.18
C GLU C 201 -36.39 -27.71 18.46
N VAL C 202 -35.78 -26.78 19.20
CA VAL C 202 -34.34 -26.84 19.54
C VAL C 202 -34.08 -26.73 21.04
N ASP C 203 -32.80 -26.81 21.44
CA ASP C 203 -32.33 -26.74 22.83
C ASP C 203 -32.77 -27.96 23.62
N CYS D 4 -11.47 -23.65 -7.07
CA CYS D 4 -12.06 -22.52 -6.27
C CYS D 4 -13.46 -22.08 -6.71
N ASN D 5 -14.07 -22.86 -7.59
CA ASN D 5 -15.51 -22.80 -7.87
C ASN D 5 -16.26 -23.82 -7.02
N ASP D 6 -15.53 -24.82 -6.53
CA ASP D 6 -16.11 -25.93 -5.80
C ASP D 6 -16.20 -25.62 -4.29
N THR D 7 -16.22 -24.33 -3.92
CA THR D 7 -16.35 -23.91 -2.52
C THR D 7 -17.76 -24.15 -1.98
N SER D 8 -18.76 -23.79 -2.78
CA SER D 8 -20.17 -23.92 -2.40
C SER D 8 -20.46 -23.08 -1.16
N GLY D 9 -19.79 -21.94 -1.05
CA GLY D 9 -19.94 -21.03 0.08
C GLY D 9 -19.39 -21.56 1.40
N VAL D 10 -18.63 -22.66 1.36
CA VAL D 10 -18.00 -23.22 2.55
C VAL D 10 -16.84 -22.31 2.99
N HIS D 11 -16.95 -21.74 4.18
CA HIS D 11 -16.07 -20.65 4.59
C HIS D 11 -14.61 -21.03 4.48
N GLN D 12 -14.26 -22.17 5.07
CA GLN D 12 -12.87 -22.63 5.06
C GLN D 12 -12.28 -22.85 3.66
N LYS D 13 -13.11 -23.25 2.71
CA LYS D 13 -12.66 -23.41 1.33
C LYS D 13 -12.42 -22.07 0.65
N ILE D 14 -13.23 -21.08 0.98
CA ILE D 14 -12.98 -19.71 0.50
C ILE D 14 -11.66 -19.17 1.01
N LEU D 15 -11.37 -19.35 2.31
CA LEU D 15 -10.09 -18.89 2.88
C LEU D 15 -8.92 -19.58 2.25
N VAL D 16 -9.02 -20.89 2.05
CA VAL D 16 -7.90 -21.64 1.46
C VAL D 16 -7.59 -21.07 0.08
N CYS D 17 -8.63 -20.82 -0.71
CA CYS D 17 -8.48 -20.20 -2.01
C CYS D 17 -7.74 -18.86 -1.96
N ILE D 18 -8.23 -17.97 -1.08
CA ILE D 18 -7.60 -16.66 -0.90
C ILE D 18 -6.18 -16.88 -0.42
N GLN D 19 -6.01 -17.75 0.57
CA GLN D 19 -4.66 -17.99 1.09
C GLN D 19 -3.66 -18.57 0.08
N ASN D 20 -4.11 -19.40 -0.85
CA ASN D 20 -3.20 -19.93 -1.87
C ASN D 20 -2.76 -18.79 -2.83
N GLU D 21 -3.69 -17.91 -3.16
CA GLU D 21 -3.35 -16.72 -3.94
C GLU D 21 -2.41 -15.79 -3.20
N ILE D 22 -2.58 -15.69 -1.88
CA ILE D 22 -1.68 -14.85 -1.09
C ILE D 22 -0.28 -15.39 -1.17
N ALA D 23 -0.14 -16.67 -0.92
CA ALA D 23 1.19 -17.28 -0.91
C ALA D 23 1.86 -17.21 -2.28
N LYS D 24 1.09 -17.41 -3.32
CA LYS D 24 1.59 -17.26 -4.67
C LYS D 24 2.13 -15.83 -4.95
N SER D 25 1.36 -14.82 -4.55
CA SER D 25 1.78 -13.42 -4.74
C SER D 25 2.98 -13.10 -3.85
N GLU D 26 2.99 -13.58 -2.60
CA GLU D 26 4.17 -13.41 -1.75
C GLU D 26 5.42 -13.98 -2.42
N THR D 27 5.23 -15.14 -3.07
CA THR D 27 6.37 -15.82 -3.71
C THR D 27 6.86 -15.10 -4.95
N GLN D 28 5.95 -14.57 -5.77
CA GLN D 28 6.39 -13.81 -6.93
C GLN D 28 7.21 -12.61 -6.50
N ILE D 29 6.69 -11.86 -5.52
CA ILE D 29 7.35 -10.64 -5.04
C ILE D 29 8.73 -10.93 -4.52
N ARG D 30 8.78 -11.92 -3.63
CA ARG D 30 10.00 -12.25 -2.95
C ARG D 30 11.05 -12.74 -3.95
N ASN D 31 10.64 -13.53 -4.94
CA ASN D 31 11.59 -14.01 -5.95
C ASN D 31 11.99 -12.92 -6.92
N ASN D 32 11.03 -12.08 -7.32
CA ASN D 32 11.36 -10.99 -8.22
C ASN D 32 12.41 -10.05 -7.59
N ILE D 33 12.28 -9.76 -6.31
CA ILE D 33 13.26 -8.92 -5.60
C ILE D 33 14.63 -9.59 -5.55
N SER D 34 14.63 -10.83 -5.06
CA SER D 34 15.83 -11.67 -4.98
C SER D 34 16.61 -11.73 -6.25
N SER D 35 15.90 -11.86 -7.37
CA SER D 35 16.54 -11.98 -8.68
C SER D 35 17.27 -10.71 -9.18
N LYS D 36 17.27 -9.65 -8.39
CA LYS D 36 17.79 -8.37 -8.87
C LYS D 36 19.18 -8.09 -8.38
N SER D 37 19.96 -7.55 -9.25
CA SER D 37 21.34 -7.21 -8.90
C SER D 37 21.43 -6.16 -7.78
N ILE D 38 22.51 -6.27 -6.98
CA ILE D 38 22.88 -5.32 -5.91
C ILE D 38 22.81 -3.82 -6.36
N ASP D 39 22.95 -3.65 -7.67
CA ASP D 39 22.42 -2.54 -8.48
C ASP D 39 21.09 -1.87 -8.12
N TYR D 40 19.97 -2.59 -8.22
CA TYR D 40 18.57 -2.04 -8.03
C TYR D 40 18.20 -1.52 -6.62
N GLY D 41 19.05 -1.81 -5.68
CA GLY D 41 19.00 -1.17 -4.36
C GLY D 41 17.97 -1.66 -3.36
N PHE D 42 17.35 -2.82 -3.59
CA PHE D 42 16.40 -3.35 -2.61
C PHE D 42 17.11 -3.76 -1.34
N PRO D 43 16.75 -3.14 -0.21
CA PRO D 43 17.27 -3.60 1.08
C PRO D 43 16.88 -5.05 1.32
N ASP D 44 17.65 -5.74 2.16
CA ASP D 44 17.44 -7.16 2.48
C ASP D 44 16.11 -7.41 3.18
N ASP D 45 15.77 -6.53 4.10
CA ASP D 45 14.51 -6.59 4.82
C ASP D 45 13.37 -5.86 4.11
N PHE D 46 13.55 -5.45 2.86
CA PHE D 46 12.46 -4.74 2.16
C PHE D 46 11.16 -5.54 2.15
N TYR D 47 11.22 -6.78 1.67
CA TYR D 47 10.01 -7.58 1.57
C TYR D 47 9.38 -7.81 2.95
N SER D 48 10.16 -8.25 3.91
CA SER D 48 9.61 -8.64 5.19
C SER D 48 8.96 -7.45 5.90
N LYS D 49 9.58 -6.27 5.81
CA LYS D 49 9.01 -5.06 6.39
C LYS D 49 7.70 -4.65 5.71
N GLN D 50 7.68 -4.61 4.38
CA GLN D 50 6.42 -4.28 3.65
C GLN D 50 5.35 -5.34 3.91
N ARG D 51 5.73 -6.60 3.98
CA ARG D 51 4.77 -7.64 4.29
C ARG D 51 4.17 -7.48 5.67
N LEU D 52 4.98 -7.07 6.65
CA LEU D 52 4.49 -6.91 8.02
C LEU D 52 3.54 -5.73 8.06
N ALA D 53 3.94 -4.64 7.43
CA ALA D 53 3.08 -3.46 7.33
C ALA D 53 1.75 -3.80 6.72
N ILE D 54 1.75 -4.63 5.68
CA ILE D 54 0.48 -5.04 5.03
C ILE D 54 -0.36 -5.84 6.02
N HIS D 55 0.27 -6.82 6.66
CA HIS D 55 -0.41 -7.61 7.69
C HIS D 55 -1.03 -6.71 8.77
N GLU D 56 -0.28 -5.76 9.31
CA GLU D 56 -0.84 -4.88 10.34
C GLU D 56 -2.01 -4.08 9.80
N LYS D 57 -1.91 -3.69 8.55
CA LYS D 57 -2.99 -2.94 7.94
C LYS D 57 -4.25 -3.79 7.89
N CYS D 58 -4.11 -5.00 7.37
CA CYS D 58 -5.26 -5.84 7.17
C CYS D 58 -5.84 -6.37 8.48
N LEU D 60 -6.67 -4.88 10.91
CA LEU D 60 -7.71 -3.99 11.40
C LEU D 60 -9.07 -4.67 11.35
N TYR D 61 -9.20 -5.64 10.43
CA TYR D 61 -10.44 -6.41 10.28
C TYR D 61 -10.75 -7.44 11.36
N ILE D 62 -9.84 -7.62 12.28
CA ILE D 62 -10.16 -8.36 13.50
C ILE D 62 -11.32 -7.69 14.25
N ASN D 63 -11.52 -6.40 14.00
CA ASN D 63 -12.60 -5.62 14.62
C ASN D 63 -13.94 -5.84 13.95
N VAL D 64 -13.95 -6.55 12.83
CA VAL D 64 -15.16 -6.84 12.12
C VAL D 64 -15.50 -8.29 12.44
N GLY D 65 -16.73 -8.52 12.87
CA GLY D 65 -17.13 -9.80 13.41
C GLY D 65 -17.26 -10.91 12.37
N GLY D 66 -17.14 -12.13 12.86
CA GLY D 66 -17.58 -13.30 12.14
C GLY D 66 -16.81 -13.73 10.92
N GLN D 67 -17.44 -14.58 10.13
CA GLN D 67 -16.81 -15.09 8.92
C GLN D 67 -16.52 -13.91 8.01
N ARG D 68 -17.46 -12.97 7.93
CA ARG D 68 -17.29 -11.77 7.11
C ARG D 68 -15.98 -11.06 7.45
N GLY D 69 -15.73 -10.77 8.72
CA GLY D 69 -14.47 -10.06 9.06
C GLY D 69 -13.22 -10.85 8.62
N GLU D 70 -13.27 -12.15 8.75
CA GLU D 70 -12.15 -13.00 8.39
C GLU D 70 -11.91 -13.05 6.89
N LEU D 71 -12.99 -13.17 6.14
CA LEU D 71 -12.93 -13.15 4.68
C LEU D 71 -12.34 -11.82 4.21
N LEU D 72 -12.85 -10.70 4.72
CA LEU D 72 -12.34 -9.40 4.31
C LEU D 72 -10.85 -9.20 4.74
N ASN D 74 -8.51 -11.54 4.94
CA ASN D 74 -7.68 -12.31 4.00
C ASN D 74 -7.71 -11.66 2.63
N GLN D 75 -8.85 -11.11 2.25
CA GLN D 75 -8.98 -10.50 0.94
C GLN D 75 -8.15 -9.21 0.86
N CYS D 76 -8.12 -8.47 1.96
CA CYS D 76 -7.24 -7.33 2.10
C CYS D 76 -5.77 -7.73 1.92
N GLU D 77 -5.31 -8.79 2.58
CA GLU D 77 -3.93 -9.24 2.41
C GLU D 77 -3.60 -9.43 0.90
N LEU D 78 -4.49 -10.13 0.20
CA LEU D 78 -4.30 -10.41 -1.22
C LEU D 78 -4.18 -9.12 -2.05
N SER D 79 -5.21 -8.28 -1.99
CA SER D 79 -5.21 -7.04 -2.81
C SER D 79 -4.00 -6.18 -2.52
N LEU D 81 -1.05 -7.26 -1.50
CA LEU D 81 0.12 -7.92 -2.09
C LEU D 81 0.13 -7.77 -3.60
N GLN D 82 -1.01 -7.95 -4.27
CA GLN D 82 -1.11 -7.69 -5.70
C GLN D 82 -0.69 -6.26 -6.05
N GLY D 83 -1.15 -5.27 -5.28
CA GLY D 83 -0.68 -3.90 -5.44
C GLY D 83 0.83 -3.81 -5.34
N LEU D 84 1.37 -4.39 -4.28
CA LEU D 84 2.81 -4.31 -4.04
C LEU D 84 3.60 -4.95 -5.17
N ASP D 85 3.11 -6.06 -5.68
CA ASP D 85 3.81 -6.75 -6.75
C ASP D 85 3.86 -5.82 -7.97
N ILE D 86 2.72 -5.24 -8.34
CA ILE D 86 2.64 -4.28 -9.46
C ILE D 86 3.64 -3.13 -9.24
N TYR D 87 3.60 -2.50 -8.06
CA TYR D 87 4.53 -1.42 -7.72
C TYR D 87 5.99 -1.79 -7.92
N ILE D 88 6.41 -2.91 -7.36
CA ILE D 88 7.81 -3.38 -7.53
C ILE D 88 8.19 -3.60 -9.00
N GLN D 89 7.27 -4.10 -9.81
CA GLN D 89 7.54 -4.30 -11.24
C GLN D 89 7.76 -2.95 -11.96
N GLN D 90 6.88 -1.98 -11.69
CA GLN D 90 6.99 -0.63 -12.25
C GLN D 90 8.29 0.04 -11.82
N TYR D 91 8.66 -0.10 -10.56
CA TYR D 91 9.90 0.46 -10.10
C TYR D 91 11.06 -0.10 -10.89
N ILE D 92 11.05 -1.41 -11.09
CA ILE D 92 12.13 -2.07 -11.78
C ILE D 92 12.24 -1.54 -13.21
N GLU D 93 11.12 -1.39 -13.88
CA GLU D 93 11.09 -0.81 -15.21
C GLU D 93 11.59 0.64 -15.23
N ASP D 94 11.14 1.47 -14.28
CA ASP D 94 11.59 2.86 -14.24
C ASP D 94 13.09 2.91 -14.11
N VAL D 95 13.67 1.96 -13.38
CA VAL D 95 15.13 1.87 -13.31
C VAL D 95 15.71 1.39 -14.65
N ASP D 96 15.11 0.36 -15.24
CA ASP D 96 15.56 -0.17 -16.54
C ASP D 96 15.57 0.93 -17.61
N ASN D 97 14.47 1.68 -17.64
CA ASN D 97 14.24 2.75 -18.60
C ASN D 97 15.15 3.97 -18.45
N SER D 98 15.91 4.03 -17.37
CA SER D 98 16.85 5.11 -17.15
C SER D 98 18.08 4.92 -18.04
#